data_6L96
#
_entry.id   6L96
#
_cell.length_a   82.736
_cell.length_b   82.736
_cell.length_c   177.521
_cell.angle_alpha   90.00
_cell.angle_beta   90.00
_cell.angle_gamma   120.00
#
_symmetry.space_group_name_H-M   'P 31 2 1'
#
loop_
_entity.id
_entity.type
_entity.pdbx_description
1 polymer 'Peroxisome proliferator-activated receptor alpha'
2 polymer 'SRC1 coactivator peptide'
3 non-polymer '(2~{R})-2-[3-[[1,3-benzoxazol-2-yl-[3-(4-methoxyphenoxy)propyl]amino]methyl]phenoxy]butanoic acid'
#
loop_
_entity_poly.entity_id
_entity_poly.type
_entity_poly.pdbx_seq_one_letter_code
_entity_poly.pdbx_strand_id
1 'polypeptide(L)'
;DIEDSETADLKSLAKRIYEAYLKNFNMNKVKARVILSGKASNNPPFVIHDMETLCMAEKTLVAKLVANGIQNKEAEVRIF
HCCQCTSVETVTELTEFAKAIPGFANLDLNDQVTLLKYGVYEAIFAMLSSVMNKDGMLVAYGNGFITREFLKSLRKPFCD
IMEPKFDFAMKFNALELDDSDISLFVAAIICCGDRPGLLNVGHIEKMQEGIVHVLRLHLQSNHPDDIFLFPKLLQKMADL
RQLVTEHAQLVQIIKKTESDAALHPLLQEIYRDMY
;
A,B
2 'polypeptide(L)' RHKILHRLLQEGS C
#
loop_
_chem_comp.id
_chem_comp.type
_chem_comp.name
_chem_comp.formula
P7F non-polymer '(2~{R})-2-[3-[[1,3-benzoxazol-2-yl-[3-(4-methoxyphenoxy)propyl]amino]methyl]phenoxy]butanoic acid' 'C28 H30 N2 O6'
#
# COMPACT_ATOMS: atom_id res chain seq x y z
N ASP A 9 -16.08 14.51 -17.22
CA ASP A 9 -15.28 14.84 -16.00
C ASP A 9 -14.14 13.81 -15.92
N LEU A 10 -14.26 12.79 -15.05
CA LEU A 10 -13.25 11.72 -14.85
C LEU A 10 -12.94 11.04 -16.20
N LYS A 11 -13.84 11.16 -17.19
CA LYS A 11 -13.61 10.74 -18.60
C LYS A 11 -12.29 11.35 -19.09
N SER A 12 -12.12 12.66 -18.89
CA SER A 12 -10.94 13.41 -19.35
C SER A 12 -9.79 13.13 -18.37
N LEU A 13 -10.04 13.33 -17.08
CA LEU A 13 -8.99 13.31 -16.01
C LEU A 13 -7.99 12.19 -16.29
N ALA A 14 -8.42 10.94 -16.38
CA ALA A 14 -7.53 9.79 -16.66
C ALA A 14 -6.72 10.09 -17.91
N LYS A 15 -7.41 10.42 -19.00
CA LYS A 15 -6.81 10.58 -20.35
C LYS A 15 -5.92 11.83 -20.36
N ARG A 16 -6.35 12.94 -19.73
CA ARG A 16 -5.57 14.20 -19.60
C ARG A 16 -4.26 13.90 -18.88
N ILE A 17 -4.34 13.20 -17.76
CA ILE A 17 -3.17 12.74 -16.96
C ILE A 17 -2.28 11.89 -17.85
N TYR A 18 -2.85 10.97 -18.61
CA TYR A 18 -2.08 10.03 -19.47
C TYR A 18 -1.32 10.85 -20.54
N GLU A 19 -2.02 11.78 -21.21
CA GLU A 19 -1.44 12.69 -22.24
C GLU A 19 -0.26 13.43 -21.62
N ALA A 20 -0.47 14.08 -20.47
CA ALA A 20 0.59 14.77 -19.67
C ALA A 20 1.78 13.84 -19.47
N TYR A 21 1.52 12.58 -19.12
CA TYR A 21 2.56 11.56 -18.83
C TYR A 21 3.32 11.22 -20.10
N LEU A 22 2.62 11.07 -21.22
CA LEU A 22 3.25 10.82 -22.54
C LEU A 22 4.04 12.05 -23.01
N LYS A 23 3.53 13.27 -22.76
CA LYS A 23 4.15 14.54 -23.25
C LYS A 23 5.50 14.79 -22.57
N ASN A 24 5.62 14.52 -21.26
CA ASN A 24 6.73 15.00 -20.40
C ASN A 24 7.78 13.92 -20.08
N PHE A 25 7.46 12.63 -20.15
CA PHE A 25 8.45 11.56 -19.86
C PHE A 25 8.81 10.89 -21.18
N ASN A 26 10.02 11.12 -21.71
CA ASN A 26 10.39 10.60 -23.05
C ASN A 26 10.55 9.08 -22.99
N MET A 27 11.10 8.54 -21.91
CA MET A 27 11.14 7.08 -21.67
C MET A 27 9.84 6.69 -20.96
N ASN A 28 9.15 5.73 -21.55
CA ASN A 28 7.86 5.19 -21.06
C ASN A 28 7.93 3.66 -21.19
N LYS A 29 6.96 2.94 -20.61
CA LYS A 29 7.08 1.47 -20.47
C LYS A 29 7.11 0.86 -21.87
N VAL A 30 6.32 1.38 -22.80
CA VAL A 30 6.18 0.77 -24.16
C VAL A 30 7.53 0.85 -24.89
N LYS A 31 8.10 2.06 -24.96
CA LYS A 31 9.40 2.33 -25.62
C LYS A 31 10.45 1.39 -25.03
N ALA A 32 10.44 1.23 -23.70
CA ALA A 32 11.45 0.51 -22.91
C ALA A 32 11.28 -1.00 -23.08
N ARG A 33 10.03 -1.49 -23.11
CA ARG A 33 9.73 -2.93 -23.27
C ARG A 33 10.22 -3.38 -24.66
N VAL A 34 9.90 -2.62 -25.73
CA VAL A 34 10.38 -2.85 -27.13
C VAL A 34 11.91 -3.08 -27.13
N ILE A 35 12.65 -2.09 -26.62
CA ILE A 35 14.15 -2.06 -26.59
C ILE A 35 14.65 -3.27 -25.79
N LEU A 36 14.14 -3.47 -24.57
CA LEU A 36 14.37 -4.69 -23.74
C LEU A 36 13.76 -5.89 -24.47
N SER A 37 14.39 -7.06 -24.35
CA SER A 37 13.94 -8.35 -24.94
C SER A 37 13.32 -8.13 -26.34
N GLY A 38 13.77 -7.09 -27.06
CA GLY A 38 13.46 -6.85 -28.49
C GLY A 38 14.55 -7.42 -29.38
N LYS A 39 14.41 -7.26 -30.70
CA LYS A 39 15.39 -7.74 -31.72
C LYS A 39 16.38 -6.62 -32.06
N ALA A 40 16.21 -5.92 -33.20
CA ALA A 40 17.04 -4.79 -33.63
C ALA A 40 16.30 -3.99 -34.72
N SER A 41 15.08 -3.52 -34.42
CA SER A 41 14.16 -2.78 -35.34
C SER A 41 14.98 -1.80 -36.17
N ASN A 42 16.04 -1.25 -35.57
CA ASN A 42 17.21 -0.65 -36.26
C ASN A 42 18.47 -1.12 -35.53
N ASN A 43 18.67 -0.66 -34.29
CA ASN A 43 19.85 -0.95 -33.44
C ASN A 43 19.40 -1.43 -32.06
N PRO A 44 19.97 -2.54 -31.55
CA PRO A 44 19.73 -2.95 -30.16
C PRO A 44 20.57 -2.11 -29.18
N PRO A 45 20.33 -2.21 -27.84
CA PRO A 45 20.98 -1.32 -26.88
C PRO A 45 22.38 -1.80 -26.48
N PHE A 46 23.38 -0.91 -26.47
CA PHE A 46 24.77 -1.20 -26.05
C PHE A 46 24.80 -1.68 -24.60
N VAL A 47 25.33 -2.88 -24.36
CA VAL A 47 25.37 -3.52 -23.00
C VAL A 47 26.67 -3.13 -22.28
N ILE A 48 26.54 -2.81 -20.99
CA ILE A 48 27.63 -2.42 -20.05
C ILE A 48 27.75 -3.49 -18.95
N HIS A 49 28.64 -4.48 -19.14
CA HIS A 49 29.02 -5.53 -18.13
C HIS A 49 30.33 -5.10 -17.43
N ASP A 50 31.52 -5.47 -17.94
CA ASP A 50 32.82 -5.15 -17.28
C ASP A 50 33.05 -3.63 -17.32
N MET A 51 33.98 -3.14 -16.50
CA MET A 51 34.51 -1.74 -16.48
C MET A 51 35.02 -1.34 -17.87
N GLU A 52 35.50 -2.29 -18.69
CA GLU A 52 35.91 -2.04 -20.10
C GLU A 52 34.69 -1.53 -20.87
N THR A 53 33.55 -2.18 -20.63
CA THR A 53 32.26 -1.98 -21.34
C THR A 53 31.64 -0.65 -20.90
N LEU A 54 31.88 -0.21 -19.67
CA LEU A 54 31.45 1.11 -19.14
C LEU A 54 32.20 2.21 -19.92
N CYS A 55 33.53 2.23 -19.83
CA CYS A 55 34.40 3.25 -20.46
C CYS A 55 34.10 3.34 -21.96
N MET A 56 34.01 2.19 -22.64
CA MET A 56 33.76 2.17 -24.12
C MET A 56 32.37 2.71 -24.42
N ALA A 57 31.66 3.24 -23.43
CA ALA A 57 30.36 3.93 -23.59
C ALA A 57 30.35 5.21 -22.76
N GLU A 58 31.50 5.86 -22.61
CA GLU A 58 31.57 7.13 -21.84
C GLU A 58 31.91 8.31 -22.75
N LYS A 59 32.35 8.08 -24.01
CA LYS A 59 32.28 9.14 -25.06
C LYS A 59 31.13 8.79 -26.02
N THR A 60 30.70 7.52 -26.07
CA THR A 60 29.65 7.02 -27.01
C THR A 60 28.32 7.76 -26.75
N LEU A 61 27.95 7.86 -25.47
CA LEU A 61 26.65 8.37 -24.94
C LEU A 61 26.84 8.81 -23.48
N VAL A 62 27.41 10.01 -23.25
CA VAL A 62 27.58 10.65 -21.91
C VAL A 62 27.99 12.13 -22.14
N GLU A 74 37.05 8.30 -10.35
CA GLU A 74 36.93 6.82 -10.25
C GLU A 74 35.88 6.32 -11.23
N ALA A 75 35.71 5.00 -11.32
CA ALA A 75 34.68 4.32 -12.13
C ALA A 75 33.32 4.45 -11.43
N GLU A 76 33.28 4.17 -10.12
CA GLU A 76 32.07 4.22 -9.26
C GLU A 76 31.44 5.60 -9.38
N VAL A 77 32.25 6.66 -9.31
CA VAL A 77 31.77 8.07 -9.21
C VAL A 77 31.19 8.54 -10.55
N ARG A 78 31.72 8.04 -11.67
CA ARG A 78 31.12 8.27 -13.02
C ARG A 78 29.65 7.82 -13.02
N ILE A 79 29.35 6.71 -12.33
CA ILE A 79 27.99 6.10 -12.25
C ILE A 79 27.14 7.00 -11.36
N PHE A 80 27.61 7.29 -10.14
CA PHE A 80 26.89 8.13 -9.16
C PHE A 80 26.52 9.47 -9.79
N HIS A 81 27.39 10.03 -10.63
CA HIS A 81 27.17 11.33 -11.30
C HIS A 81 26.13 11.15 -12.41
N CYS A 82 26.29 10.13 -13.24
CA CYS A 82 25.33 9.83 -14.34
C CYS A 82 23.92 9.60 -13.77
N CYS A 83 23.77 8.85 -12.69
CA CYS A 83 22.44 8.63 -12.02
C CYS A 83 21.81 10.01 -11.76
N GLN A 84 22.50 10.82 -10.97
CA GLN A 84 22.14 12.20 -10.62
C GLN A 84 21.56 12.90 -11.85
N CYS A 85 22.25 12.85 -12.98
CA CYS A 85 21.87 13.68 -14.16
C CYS A 85 20.42 13.36 -14.55
N THR A 86 20.09 12.09 -14.70
CA THR A 86 18.75 11.66 -15.19
C THR A 86 17.71 11.95 -14.08
N SER A 87 18.07 11.81 -12.79
CA SER A 87 17.20 12.24 -11.66
C SER A 87 16.77 13.69 -11.89
N VAL A 88 17.71 14.57 -12.24
CA VAL A 88 17.45 16.02 -12.38
C VAL A 88 16.52 16.27 -13.56
N GLU A 89 16.76 15.57 -14.67
CA GLU A 89 15.89 15.68 -15.87
C GLU A 89 14.48 15.27 -15.45
N THR A 90 14.38 14.20 -14.67
CA THR A 90 13.09 13.54 -14.33
C THR A 90 12.30 14.44 -13.36
N VAL A 91 12.99 15.08 -12.43
CA VAL A 91 12.37 16.05 -11.48
C VAL A 91 11.75 17.17 -12.31
N THR A 92 12.44 17.58 -13.38
CA THR A 92 11.97 18.64 -14.29
C THR A 92 10.72 18.13 -15.02
N GLU A 93 10.80 16.93 -15.61
CA GLU A 93 9.65 16.31 -16.29
C GLU A 93 8.50 16.18 -15.28
N LEU A 94 8.80 15.81 -14.03
CA LEU A 94 7.78 15.60 -12.97
C LEU A 94 7.09 16.93 -12.59
N THR A 95 7.84 18.03 -12.45
CA THR A 95 7.27 19.36 -12.12
C THR A 95 6.32 19.78 -13.23
N GLU A 96 6.63 19.43 -14.49
CA GLU A 96 5.78 19.73 -15.68
C GLU A 96 4.56 18.82 -15.64
N PHE A 97 4.78 17.51 -15.56
CA PHE A 97 3.70 16.52 -15.39
C PHE A 97 2.70 17.01 -14.34
N ALA A 98 3.20 17.47 -13.18
CA ALA A 98 2.39 17.89 -12.02
C ALA A 98 1.47 19.03 -12.43
N LYS A 99 1.98 19.99 -13.19
CA LYS A 99 1.24 21.22 -13.61
C LYS A 99 0.16 20.88 -14.66
N ALA A 100 0.09 19.63 -15.11
CA ALA A 100 -0.95 19.16 -16.06
C ALA A 100 -2.06 18.42 -15.29
N ILE A 101 -1.78 17.96 -14.06
CA ILE A 101 -2.82 17.30 -13.20
C ILE A 101 -3.88 18.35 -12.93
N PRO A 102 -5.14 18.12 -13.34
CA PRO A 102 -6.24 19.04 -13.08
C PRO A 102 -6.30 19.48 -11.62
N GLY A 103 -6.19 20.80 -11.40
CA GLY A 103 -6.35 21.46 -10.09
C GLY A 103 -5.02 21.76 -9.42
N PHE A 104 -3.95 21.14 -9.91
CA PHE A 104 -2.62 21.20 -9.27
C PHE A 104 -2.08 22.63 -9.40
N ALA A 105 -2.22 23.20 -10.59
CA ALA A 105 -1.81 24.59 -10.91
C ALA A 105 -2.37 25.52 -9.83
N ASN A 106 -3.67 25.37 -9.47
CA ASN A 106 -4.44 26.26 -8.57
C ASN A 106 -4.00 26.12 -7.11
N LEU A 107 -3.31 25.05 -6.72
CA LEU A 107 -2.82 24.88 -5.33
C LEU A 107 -1.88 26.06 -4.98
N ASP A 108 -1.77 26.34 -3.69
CA ASP A 108 -0.76 27.29 -3.14
C ASP A 108 0.60 26.82 -3.66
N LEU A 109 1.35 27.70 -4.35
CA LEU A 109 2.69 27.38 -4.90
C LEU A 109 3.53 26.68 -3.83
N ASN A 110 3.47 27.19 -2.59
CA ASN A 110 4.21 26.62 -1.46
C ASN A 110 3.87 25.12 -1.35
N ASP A 111 2.58 24.76 -1.49
CA ASP A 111 2.10 23.36 -1.40
C ASP A 111 2.58 22.58 -2.62
N GLN A 112 2.33 23.08 -3.84
CA GLN A 112 2.87 22.51 -5.09
C GLN A 112 4.31 22.01 -4.84
N VAL A 113 5.14 22.82 -4.20
CA VAL A 113 6.59 22.56 -3.93
C VAL A 113 6.74 21.47 -2.87
N THR A 114 6.03 21.54 -1.75
CA THR A 114 6.08 20.50 -0.68
C THR A 114 5.71 19.14 -1.26
N LEU A 115 4.67 19.07 -2.09
CA LEU A 115 4.09 17.80 -2.64
C LEU A 115 5.13 17.11 -3.53
N LEU A 116 5.88 17.90 -4.28
CA LEU A 116 6.88 17.42 -5.27
C LEU A 116 8.22 17.10 -4.58
N LYS A 117 8.58 17.81 -3.52
CA LYS A 117 9.84 17.56 -2.75
C LYS A 117 9.84 16.11 -2.28
N TYR A 118 8.75 15.70 -1.60
CA TYR A 118 8.56 14.35 -1.02
C TYR A 118 8.15 13.37 -2.12
N GLY A 119 7.41 13.90 -3.12
CA GLY A 119 6.83 13.13 -4.24
C GLY A 119 7.85 12.50 -5.17
N VAL A 120 8.80 13.31 -5.70
CA VAL A 120 9.57 12.99 -6.94
C VAL A 120 10.26 11.62 -6.85
N TYR A 121 10.96 11.28 -5.76
CA TYR A 121 11.77 10.04 -5.71
C TYR A 121 10.87 8.80 -5.60
N GLU A 122 9.68 8.93 -5.02
CA GLU A 122 8.65 7.86 -5.09
C GLU A 122 8.25 7.68 -6.56
N ALA A 123 7.90 8.79 -7.22
CA ALA A 123 7.49 8.79 -8.63
C ALA A 123 8.65 8.25 -9.48
N ILE A 124 9.90 8.60 -9.14
CA ILE A 124 11.09 8.16 -9.93
C ILE A 124 11.21 6.63 -9.82
N PHE A 125 11.11 6.06 -8.61
CA PHE A 125 11.41 4.62 -8.37
C PHE A 125 10.30 3.76 -8.98
N ALA A 126 9.06 4.25 -8.98
CA ALA A 126 7.92 3.61 -9.68
C ALA A 126 8.22 3.56 -11.21
N MET A 127 8.54 4.72 -11.78
CA MET A 127 8.78 4.85 -13.23
C MET A 127 10.09 4.18 -13.61
N LEU A 128 11.04 4.10 -12.67
CA LEU A 128 12.36 3.47 -12.92
C LEU A 128 12.12 1.98 -13.16
N SER A 129 11.03 1.43 -12.61
CA SER A 129 10.73 -0.02 -12.74
C SER A 129 10.56 -0.33 -14.22
N SER A 130 10.02 0.63 -14.99
CA SER A 130 9.60 0.49 -16.40
C SER A 130 10.81 0.24 -17.31
N VAL A 131 12.02 0.61 -16.89
CA VAL A 131 13.25 0.40 -17.72
C VAL A 131 14.03 -0.81 -17.19
N MET A 132 13.58 -1.40 -16.08
CA MET A 132 14.30 -2.53 -15.43
C MET A 132 13.69 -3.87 -15.88
N ASN A 133 14.54 -4.90 -16.04
CA ASN A 133 14.14 -6.33 -15.96
C ASN A 133 15.11 -7.04 -15.01
N LYS A 134 14.93 -8.34 -14.75
CA LYS A 134 15.68 -9.09 -13.70
C LYS A 134 17.20 -8.98 -13.91
N ASP A 135 17.66 -8.72 -15.13
CA ASP A 135 19.10 -8.82 -15.54
C ASP A 135 19.82 -7.46 -15.58
N GLY A 136 19.11 -6.35 -15.82
CA GLY A 136 19.70 -5.00 -15.78
C GLY A 136 18.69 -3.91 -16.08
N MET A 137 19.16 -2.68 -16.39
CA MET A 137 18.28 -1.50 -16.65
C MET A 137 18.75 -0.72 -17.87
N LEU A 138 17.82 -0.10 -18.61
CA LEU A 138 18.12 0.84 -19.72
C LEU A 138 18.66 2.13 -19.13
N VAL A 139 19.68 2.72 -19.76
CA VAL A 139 20.21 4.07 -19.40
C VAL A 139 20.37 4.85 -20.69
N ALA A 140 20.89 6.07 -20.57
CA ALA A 140 21.15 7.00 -21.69
C ALA A 140 19.99 6.90 -22.70
N TYR A 141 18.78 7.21 -22.25
CA TYR A 141 17.55 7.33 -23.08
C TYR A 141 17.31 6.08 -23.97
N GLY A 142 17.78 4.91 -23.54
CA GLY A 142 17.46 3.62 -24.18
C GLY A 142 18.59 3.09 -25.05
N ASN A 143 19.71 3.82 -25.10
CA ASN A 143 20.88 3.48 -25.95
C ASN A 143 21.83 2.57 -25.17
N GLY A 144 21.86 2.70 -23.83
CA GLY A 144 22.65 1.84 -22.92
C GLY A 144 21.76 0.84 -22.21
N PHE A 145 22.34 -0.29 -21.78
CA PHE A 145 21.72 -1.28 -20.86
C PHE A 145 22.77 -1.78 -19.88
N ILE A 146 22.72 -1.33 -18.63
CA ILE A 146 23.77 -1.61 -17.60
C ILE A 146 23.26 -2.76 -16.74
N THR A 147 24.04 -3.85 -16.69
CA THR A 147 23.66 -5.16 -16.11
C THR A 147 23.58 -5.01 -14.58
N ARG A 148 22.55 -5.60 -13.98
CA ARG A 148 22.27 -5.59 -12.52
C ARG A 148 23.47 -6.20 -11.80
N GLU A 149 24.14 -7.16 -12.47
CA GLU A 149 25.30 -7.90 -11.90
C GLU A 149 26.48 -6.94 -11.80
N PHE A 150 26.76 -6.15 -12.85
CA PHE A 150 27.87 -5.17 -12.87
C PHE A 150 27.67 -4.15 -11.74
N LEU A 151 26.41 -3.81 -11.46
CA LEU A 151 26.09 -2.76 -10.47
C LEU A 151 26.32 -3.33 -9.07
N LYS A 152 25.96 -4.61 -8.85
CA LYS A 152 26.25 -5.38 -7.62
C LYS A 152 27.78 -5.37 -7.41
N SER A 153 28.53 -5.66 -8.48
CA SER A 153 30.01 -5.72 -8.57
C SER A 153 30.70 -4.50 -7.91
N LEU A 154 30.16 -3.28 -8.04
CA LEU A 154 30.81 -2.00 -7.64
C LEU A 154 31.31 -2.08 -6.19
N ARG A 155 32.42 -1.39 -5.91
CA ARG A 155 32.93 -1.08 -4.53
C ARG A 155 31.78 -0.56 -3.65
N LYS A 156 31.73 -0.98 -2.38
CA LYS A 156 30.81 -0.40 -1.38
C LYS A 156 31.00 1.11 -1.33
N PRO A 157 29.96 1.93 -1.01
CA PRO A 157 28.57 1.48 -0.95
C PRO A 157 27.75 1.68 -2.24
N PHE A 158 28.44 1.86 -3.38
CA PHE A 158 27.85 2.18 -4.71
C PHE A 158 27.03 1.00 -5.24
N CYS A 159 27.34 -0.21 -4.77
CA CYS A 159 26.64 -1.48 -5.13
C CYS A 159 25.24 -1.49 -4.51
N ASP A 160 25.05 -0.77 -3.41
CA ASP A 160 23.77 -0.75 -2.65
C ASP A 160 22.79 0.31 -3.20
N ILE A 161 23.16 1.01 -4.28
CA ILE A 161 22.30 2.08 -4.87
C ILE A 161 21.11 1.43 -5.61
N MET A 162 21.40 0.67 -6.67
CA MET A 162 20.40 0.19 -7.66
C MET A 162 19.70 -1.09 -7.15
N GLU A 163 20.45 -2.05 -6.63
CA GLU A 163 19.92 -3.38 -6.25
C GLU A 163 18.56 -3.24 -5.56
N PRO A 164 18.43 -2.48 -4.46
CA PRO A 164 17.13 -2.35 -3.78
C PRO A 164 16.00 -1.86 -4.71
N LYS A 165 16.32 -1.02 -5.68
CA LYS A 165 15.33 -0.46 -6.65
C LYS A 165 14.94 -1.55 -7.66
N PHE A 166 15.90 -2.42 -8.00
CA PHE A 166 15.67 -3.67 -8.76
C PHE A 166 14.68 -4.55 -7.99
N ASP A 167 15.00 -4.91 -6.75
CA ASP A 167 14.14 -5.78 -5.89
C ASP A 167 12.70 -5.28 -5.98
N PHE A 168 12.49 -3.99 -5.70
CA PHE A 168 11.15 -3.35 -5.74
C PHE A 168 10.53 -3.46 -7.14
N ALA A 169 11.32 -3.19 -8.17
CA ALA A 169 10.89 -3.17 -9.58
C ALA A 169 10.30 -4.53 -9.96
N MET A 170 10.97 -5.62 -9.58
CA MET A 170 10.59 -6.98 -10.03
C MET A 170 9.17 -7.27 -9.49
N LYS A 171 8.92 -6.94 -8.23
CA LYS A 171 7.60 -7.04 -7.57
C LYS A 171 6.59 -6.16 -8.31
N PHE A 172 6.98 -4.94 -8.73
CA PHE A 172 6.08 -3.91 -9.30
C PHE A 172 5.76 -4.26 -10.75
N ASN A 173 6.79 -4.67 -11.49
CA ASN A 173 6.66 -5.12 -12.90
C ASN A 173 5.78 -6.37 -12.95
N ALA A 174 5.87 -7.21 -11.90
CA ALA A 174 4.99 -8.38 -11.66
C ALA A 174 3.50 -7.99 -11.83
N LEU A 175 3.06 -6.82 -11.36
CA LEU A 175 1.67 -6.32 -11.51
C LEU A 175 1.30 -6.15 -13.00
N GLU A 176 2.27 -6.12 -13.91
CA GLU A 176 2.05 -5.93 -15.36
C GLU A 176 1.21 -4.67 -15.58
N LEU A 177 1.69 -3.48 -15.19
CA LEU A 177 0.96 -2.20 -15.45
C LEU A 177 1.34 -1.68 -16.84
N ASP A 178 0.43 -0.94 -17.47
CA ASP A 178 0.65 -0.21 -18.74
C ASP A 178 0.80 1.26 -18.36
N ASP A 179 1.49 2.04 -19.18
CA ASP A 179 1.71 3.49 -19.01
C ASP A 179 0.43 4.22 -18.58
N SER A 180 -0.75 3.85 -19.06
CA SER A 180 -2.02 4.56 -18.71
C SER A 180 -2.31 4.39 -17.21
N ASP A 181 -1.91 3.24 -16.65
CA ASP A 181 -2.04 2.93 -15.20
C ASP A 181 -1.01 3.75 -14.43
N ILE A 182 0.25 3.64 -14.86
CA ILE A 182 1.44 4.26 -14.20
C ILE A 182 1.23 5.78 -14.08
N SER A 183 0.76 6.43 -15.14
CA SER A 183 0.46 7.88 -15.15
C SER A 183 -0.47 8.18 -13.97
N LEU A 184 -1.57 7.45 -13.86
CA LEU A 184 -2.61 7.70 -12.82
C LEU A 184 -1.98 7.52 -11.43
N PHE A 185 -1.08 6.54 -11.29
CA PHE A 185 -0.46 6.16 -9.99
C PHE A 185 0.46 7.29 -9.55
N VAL A 186 1.36 7.73 -10.46
CA VAL A 186 2.36 8.81 -10.22
C VAL A 186 1.64 10.09 -9.79
N ALA A 187 0.53 10.43 -10.43
CA ALA A 187 -0.36 11.56 -10.01
C ALA A 187 -0.78 11.36 -8.56
N ALA A 188 -1.32 10.19 -8.23
CA ALA A 188 -1.78 9.82 -6.87
C ALA A 188 -0.62 9.96 -5.88
N ILE A 189 0.58 9.57 -6.31
CA ILE A 189 1.82 9.67 -5.49
C ILE A 189 2.08 11.15 -5.18
N ILE A 190 1.95 12.00 -6.20
CA ILE A 190 2.31 13.45 -6.10
C ILE A 190 1.30 14.14 -5.19
N CYS A 191 0.00 14.11 -5.53
CA CYS A 191 -1.15 14.64 -4.74
C CYS A 191 -1.47 13.71 -3.55
N CYS A 192 -0.81 13.96 -2.41
CA CYS A 192 -0.75 13.07 -1.22
C CYS A 192 -0.70 13.97 0.03
N GLY A 193 -1.85 14.25 0.64
CA GLY A 193 -2.03 15.25 1.71
C GLY A 193 -1.45 14.87 3.07
N ASP A 194 -0.68 13.77 3.17
CA ASP A 194 -0.01 13.39 4.45
C ASP A 194 1.49 13.68 4.36
N ARG A 195 1.93 14.49 3.38
CA ARG A 195 3.29 15.11 3.35
C ARG A 195 3.33 16.14 4.46
N PRO A 196 4.47 16.30 5.18
CA PRO A 196 4.61 17.37 6.17
C PRO A 196 4.58 18.77 5.53
N GLY A 197 3.95 19.72 6.22
CA GLY A 197 4.14 21.17 5.96
C GLY A 197 3.11 21.72 5.00
N LEU A 198 2.15 20.91 4.58
CA LEU A 198 1.09 21.38 3.63
C LEU A 198 0.21 22.37 4.39
N LEU A 199 -0.28 23.42 3.71
CA LEU A 199 -1.27 24.40 4.24
C LEU A 199 -2.67 23.83 4.00
N ASN A 200 -3.28 24.02 2.83
CA ASN A 200 -4.68 23.58 2.53
C ASN A 200 -4.64 22.07 2.20
N VAL A 201 -4.49 21.23 3.22
CA VAL A 201 -4.49 19.74 3.11
C VAL A 201 -5.77 19.28 2.41
N GLY A 202 -6.91 19.82 2.81
CA GLY A 202 -8.24 19.53 2.24
C GLY A 202 -8.26 19.48 0.73
N HIS A 203 -7.77 20.54 0.05
CA HIS A 203 -7.91 20.73 -1.42
C HIS A 203 -7.10 19.66 -2.17
N ILE A 204 -6.12 19.06 -1.50
CA ILE A 204 -5.26 17.96 -2.03
C ILE A 204 -6.00 16.62 -1.83
N GLU A 205 -6.54 16.38 -0.62
CA GLU A 205 -7.23 15.12 -0.26
C GLU A 205 -8.36 14.91 -1.27
N LYS A 206 -9.10 15.97 -1.63
CA LYS A 206 -10.17 15.92 -2.65
C LYS A 206 -9.51 15.56 -3.99
N MET A 207 -8.42 16.25 -4.33
CA MET A 207 -7.66 16.03 -5.59
C MET A 207 -7.22 14.56 -5.68
N GLN A 208 -6.74 13.98 -4.57
CA GLN A 208 -6.28 12.57 -4.54
C GLN A 208 -7.51 11.67 -4.72
N GLU A 209 -8.55 11.85 -3.90
CA GLU A 209 -9.78 11.01 -3.97
C GLU A 209 -10.12 10.77 -5.44
N GLY A 210 -10.23 11.86 -6.20
CA GLY A 210 -10.63 11.83 -7.62
C GLY A 210 -9.67 11.01 -8.45
N ILE A 211 -8.37 11.29 -8.34
CA ILE A 211 -7.27 10.57 -9.05
C ILE A 211 -7.34 9.08 -8.68
N VAL A 212 -7.49 8.75 -7.39
CA VAL A 212 -7.44 7.33 -6.92
C VAL A 212 -8.73 6.59 -7.34
N HIS A 213 -9.90 7.24 -7.27
CA HIS A 213 -11.18 6.66 -7.72
C HIS A 213 -11.00 6.17 -9.16
N VAL A 214 -10.62 7.11 -10.03
CA VAL A 214 -10.32 6.87 -11.46
C VAL A 214 -9.29 5.75 -11.59
N LEU A 215 -8.21 5.81 -10.82
CA LEU A 215 -7.17 4.74 -10.83
C LEU A 215 -7.83 3.38 -10.66
N ARG A 216 -8.71 3.23 -9.66
CA ARG A 216 -9.45 1.95 -9.43
C ARG A 216 -10.30 1.63 -10.68
N LEU A 217 -11.23 2.53 -11.02
CA LEU A 217 -12.19 2.30 -12.13
C LEU A 217 -11.41 1.89 -13.38
N HIS A 218 -10.28 2.56 -13.61
CA HIS A 218 -9.39 2.33 -14.79
C HIS A 218 -8.83 0.90 -14.71
N LEU A 219 -8.38 0.48 -13.52
CA LEU A 219 -7.67 -0.82 -13.36
C LEU A 219 -8.68 -1.95 -13.58
N GLN A 220 -9.92 -1.76 -13.14
CA GLN A 220 -11.01 -2.77 -13.24
C GLN A 220 -11.38 -3.00 -14.71
N SER A 221 -11.56 -1.92 -15.48
CA SER A 221 -11.93 -2.00 -16.92
C SER A 221 -10.71 -2.41 -17.76
N ASN A 222 -9.48 -2.05 -17.34
CA ASN A 222 -8.31 -2.26 -18.21
C ASN A 222 -7.58 -3.55 -17.84
N HIS A 223 -7.70 -4.04 -16.60
CA HIS A 223 -7.21 -5.38 -16.17
C HIS A 223 -8.35 -6.22 -15.61
N PRO A 224 -9.36 -6.63 -16.42
CA PRO A 224 -10.43 -7.48 -15.94
C PRO A 224 -9.87 -8.80 -15.37
N ASP A 225 -8.72 -9.25 -15.89
CA ASP A 225 -8.03 -10.50 -15.47
C ASP A 225 -7.72 -10.47 -13.98
N ASP A 226 -7.27 -9.33 -13.47
CA ASP A 226 -6.78 -9.18 -12.07
C ASP A 226 -7.60 -8.08 -11.38
N ILE A 227 -8.78 -8.44 -10.88
CA ILE A 227 -9.78 -7.47 -10.39
C ILE A 227 -9.27 -6.79 -9.12
N PHE A 228 -8.38 -7.44 -8.36
CA PHE A 228 -7.90 -6.89 -7.05
C PHE A 228 -6.48 -6.34 -7.20
N LEU A 229 -6.18 -5.86 -8.41
CA LEU A 229 -4.92 -5.15 -8.75
C LEU A 229 -4.86 -3.81 -7.99
N PHE A 230 -5.97 -3.09 -7.94
CA PHE A 230 -6.04 -1.75 -7.30
C PHE A 230 -5.51 -1.79 -5.88
N PRO A 231 -5.95 -2.74 -5.01
CA PRO A 231 -5.44 -2.83 -3.64
C PRO A 231 -3.96 -3.21 -3.58
N LYS A 232 -3.55 -4.21 -4.39
CA LYS A 232 -2.15 -4.67 -4.47
C LYS A 232 -1.20 -3.51 -4.79
N LEU A 233 -1.55 -2.71 -5.80
CA LEU A 233 -0.79 -1.52 -6.27
C LEU A 233 -0.62 -0.54 -5.10
N LEU A 234 -1.74 -0.08 -4.55
CA LEU A 234 -1.76 0.97 -3.50
C LEU A 234 -0.96 0.52 -2.26
N GLN A 235 -0.76 -0.77 -2.00
CA GLN A 235 0.01 -1.18 -0.79
C GLN A 235 1.51 -0.98 -1.05
N LYS A 236 1.85 -0.52 -2.26
CA LYS A 236 3.25 -0.31 -2.70
C LYS A 236 3.61 1.16 -2.49
N MET A 237 2.63 2.04 -2.38
CA MET A 237 2.87 3.46 -2.01
C MET A 237 3.68 3.51 -0.71
N ALA A 238 3.45 2.54 0.18
CA ALA A 238 4.17 2.39 1.47
C ALA A 238 5.61 1.92 1.22
N ASP A 239 5.80 0.85 0.46
CA ASP A 239 7.12 0.26 0.13
C ASP A 239 8.01 1.32 -0.53
N LEU A 240 7.43 2.24 -1.32
CA LEU A 240 8.18 3.33 -2.02
C LEU A 240 8.71 4.35 -1.03
N ARG A 241 7.84 4.86 -0.13
CA ARG A 241 8.25 5.67 1.05
C ARG A 241 9.49 5.01 1.66
N GLN A 242 9.44 3.72 2.04
CA GLN A 242 10.57 3.00 2.67
C GLN A 242 11.80 3.12 1.75
N LEU A 243 11.66 2.62 0.53
CA LEU A 243 12.73 2.59 -0.51
C LEU A 243 13.43 3.95 -0.60
N VAL A 244 12.66 5.06 -0.49
CA VAL A 244 13.20 6.44 -0.59
C VAL A 244 14.05 6.74 0.65
N THR A 245 13.46 6.79 1.84
CA THR A 245 14.18 6.81 3.16
C THR A 245 15.50 6.01 3.08
N GLU A 246 15.46 4.73 2.73
CA GLU A 246 16.68 3.89 2.63
C GLU A 246 17.64 4.52 1.61
N HIS A 247 17.12 4.99 0.48
CA HIS A 247 17.91 5.72 -0.54
C HIS A 247 18.55 6.95 0.09
N ALA A 248 17.74 7.81 0.72
CA ALA A 248 18.13 9.10 1.33
C ALA A 248 19.32 8.90 2.28
N GLN A 249 19.28 7.91 3.16
CA GLN A 249 20.42 7.56 4.06
C GLN A 249 21.65 7.27 3.17
N LEU A 250 21.51 6.34 2.22
CA LEU A 250 22.66 5.82 1.43
C LEU A 250 23.30 6.94 0.63
N VAL A 251 22.53 7.98 0.28
CA VAL A 251 23.02 9.15 -0.50
C VAL A 251 23.88 10.03 0.42
N GLN A 252 23.38 10.38 1.61
CA GLN A 252 24.15 11.19 2.61
C GLN A 252 25.49 10.47 2.87
N ILE A 253 25.46 9.15 2.97
CA ILE A 253 26.69 8.34 3.22
C ILE A 253 27.63 8.44 2.02
N ILE A 254 27.14 8.43 0.78
CA ILE A 254 28.03 8.58 -0.42
C ILE A 254 28.53 10.00 -0.50
N LYS A 255 27.68 10.98 -0.17
CA LYS A 255 28.06 12.42 -0.17
C LYS A 255 29.22 12.60 0.80
N LYS A 256 29.23 11.91 1.94
CA LYS A 256 30.22 12.10 3.04
C LYS A 256 31.39 11.11 2.90
N THR A 257 31.18 9.93 2.30
CA THR A 257 32.26 8.96 1.91
C THR A 257 33.21 9.65 0.91
N GLU A 258 32.71 10.07 -0.25
CA GLU A 258 33.58 10.66 -1.31
C GLU A 258 33.37 12.17 -1.37
N SER A 259 34.38 12.96 -0.99
CA SER A 259 34.44 14.42 -1.22
C SER A 259 34.43 14.69 -2.73
N ASP A 260 34.75 13.67 -3.53
CA ASP A 260 34.93 13.73 -5.00
C ASP A 260 33.58 13.64 -5.73
N ALA A 261 32.49 13.19 -5.10
CA ALA A 261 31.16 12.97 -5.72
C ALA A 261 30.06 13.65 -4.90
N ALA A 262 29.80 14.94 -5.18
CA ALA A 262 28.76 15.75 -4.51
C ALA A 262 27.50 15.71 -5.38
N LEU A 263 26.51 16.56 -5.10
CA LEU A 263 25.08 16.35 -5.42
C LEU A 263 24.50 17.59 -6.11
N HIS A 264 23.95 17.43 -7.30
CA HIS A 264 23.38 18.57 -8.10
C HIS A 264 22.44 19.31 -7.16
N PRO A 265 22.51 20.67 -7.09
CA PRO A 265 21.83 21.42 -6.05
C PRO A 265 20.31 21.16 -5.92
N LEU A 266 19.62 20.84 -7.01
CA LEU A 266 18.19 20.45 -7.02
C LEU A 266 17.98 19.24 -6.10
N LEU A 267 18.72 18.16 -6.35
CA LEU A 267 18.67 16.89 -5.58
C LEU A 267 19.04 17.17 -4.11
N GLN A 268 20.10 17.95 -3.89
CA GLN A 268 20.59 18.37 -2.54
C GLN A 268 19.47 19.14 -1.83
N GLU A 269 18.57 19.78 -2.58
CA GLU A 269 17.43 20.61 -2.09
C GLU A 269 16.23 19.71 -1.79
N ILE A 270 15.96 18.71 -2.65
CA ILE A 270 14.81 17.78 -2.41
C ILE A 270 15.21 16.94 -1.19
N TYR A 271 16.50 16.70 -0.96
CA TYR A 271 17.01 15.81 0.13
C TYR A 271 17.09 16.56 1.47
N ARG A 272 17.56 17.81 1.53
CA ARG A 272 17.63 18.61 2.78
C ARG A 272 16.38 18.35 3.63
N ASP A 273 16.54 17.82 4.85
CA ASP A 273 15.46 17.58 5.85
C ASP A 273 14.41 16.58 5.32
N MET A 274 14.86 15.47 4.74
CA MET A 274 13.99 14.33 4.38
C MET A 274 14.70 13.03 4.74
N LEU B 10 -17.98 -33.14 -0.61
CA LEU B 10 -17.44 -31.74 -0.45
C LEU B 10 -17.51 -31.32 1.04
N LYS B 11 -17.11 -32.25 1.91
CA LYS B 11 -16.98 -32.05 3.39
C LYS B 11 -15.65 -31.35 3.68
N SER B 12 -14.83 -31.14 2.64
CA SER B 12 -13.51 -30.48 2.65
C SER B 12 -13.65 -28.96 2.52
N LEU B 13 -14.74 -28.46 1.92
CA LEU B 13 -15.00 -27.01 1.77
C LEU B 13 -14.52 -26.27 3.03
N ALA B 14 -14.94 -26.69 4.23
CA ALA B 14 -14.49 -26.10 5.50
C ALA B 14 -12.96 -26.02 5.52
N LYS B 15 -12.30 -27.16 5.27
CA LYS B 15 -10.82 -27.33 5.33
C LYS B 15 -10.13 -26.42 4.29
N ARG B 16 -10.64 -26.36 3.04
CA ARG B 16 -10.09 -25.49 1.96
C ARG B 16 -10.12 -24.02 2.42
N ILE B 17 -11.27 -23.59 2.93
CA ILE B 17 -11.48 -22.22 3.48
C ILE B 17 -10.49 -22.01 4.63
N TYR B 18 -10.32 -23.00 5.52
CA TYR B 18 -9.42 -22.90 6.69
C TYR B 18 -7.97 -22.71 6.21
N GLU B 19 -7.55 -23.54 5.23
CA GLU B 19 -6.20 -23.48 4.60
C GLU B 19 -5.99 -22.05 4.08
N ALA B 20 -6.91 -21.56 3.24
CA ALA B 20 -6.91 -20.19 2.68
C ALA B 20 -6.72 -19.17 3.80
N TYR B 21 -7.43 -19.36 4.93
CA TYR B 21 -7.43 -18.44 6.10
C TYR B 21 -6.06 -18.44 6.75
N LEU B 22 -5.47 -19.63 6.90
CA LEU B 22 -4.12 -19.75 7.53
C LEU B 22 -3.05 -19.22 6.57
N LYS B 23 -3.23 -19.45 5.25
CA LYS B 23 -2.24 -19.10 4.18
C LYS B 23 -2.08 -17.59 4.07
N ASN B 24 -3.18 -16.82 4.19
CA ASN B 24 -3.23 -15.38 3.84
C ASN B 24 -3.13 -14.43 5.06
N PHE B 25 -3.48 -14.84 6.27
CA PHE B 25 -3.57 -13.89 7.41
C PHE B 25 -2.39 -14.14 8.37
N ASN B 26 -1.54 -13.12 8.48
CA ASN B 26 -0.28 -13.10 9.26
C ASN B 26 -0.56 -13.40 10.74
N MET B 27 -1.58 -12.78 11.30
CA MET B 27 -2.04 -13.04 12.70
C MET B 27 -3.32 -13.88 12.65
N ASN B 28 -3.42 -14.89 13.52
CA ASN B 28 -4.61 -15.75 13.72
C ASN B 28 -4.79 -15.96 15.22
N LYS B 29 -5.89 -16.60 15.64
CA LYS B 29 -6.28 -16.62 17.08
C LYS B 29 -5.19 -17.40 17.83
N VAL B 30 -4.67 -18.49 17.25
CA VAL B 30 -3.73 -19.41 17.95
C VAL B 30 -2.45 -18.63 18.25
N LYS B 31 -1.85 -18.00 17.24
CA LYS B 31 -0.61 -17.21 17.37
C LYS B 31 -0.83 -16.18 18.47
N ALA B 32 -1.99 -15.52 18.48
CA ALA B 32 -2.31 -14.36 19.34
C ALA B 32 -2.56 -14.83 20.78
N ARG B 33 -3.25 -15.96 20.94
CA ARG B 33 -3.58 -16.54 22.27
C ARG B 33 -2.27 -16.93 22.96
N VAL B 34 -1.38 -17.67 22.27
CA VAL B 34 -0.01 -18.05 22.75
C VAL B 34 0.71 -16.83 23.32
N ILE B 35 0.87 -15.77 22.51
CA ILE B 35 1.61 -14.50 22.84
C ILE B 35 0.96 -13.86 24.07
N LEU B 36 -0.37 -13.66 24.04
CA LEU B 36 -1.16 -13.20 25.21
C LEU B 36 -1.14 -14.31 26.27
N SER B 37 -1.12 -13.94 27.55
CA SER B 37 -1.07 -14.85 28.73
C SER B 37 -0.19 -16.09 28.47
N GLY B 38 0.80 -15.99 27.58
CA GLY B 38 1.74 -17.09 27.27
C GLY B 38 3.08 -16.80 27.90
N LYS B 39 3.80 -17.84 28.34
CA LYS B 39 5.16 -17.70 28.95
C LYS B 39 6.04 -16.95 27.95
N ALA B 40 7.10 -16.30 28.43
CA ALA B 40 8.14 -15.67 27.59
C ALA B 40 8.93 -16.78 26.89
N SER B 41 8.34 -17.43 25.85
CA SER B 41 8.98 -18.45 24.98
C SER B 41 10.44 -18.07 24.72
N ASN B 42 10.71 -16.76 24.61
CA ASN B 42 11.99 -16.09 24.96
C ASN B 42 11.65 -14.76 25.64
N ASN B 43 10.95 -13.86 24.92
CA ASN B 43 10.62 -12.48 25.36
C ASN B 43 9.13 -12.23 25.20
N PRO B 44 8.46 -11.66 26.23
CA PRO B 44 7.05 -11.27 26.12
C PRO B 44 6.92 -9.98 25.31
N PRO B 45 5.68 -9.62 24.87
CA PRO B 45 5.47 -8.54 23.90
C PRO B 45 5.48 -7.15 24.54
N PHE B 46 6.17 -6.20 23.91
CA PHE B 46 6.39 -4.83 24.42
C PHE B 46 5.07 -4.10 24.68
N VAL B 47 4.86 -3.65 25.92
CA VAL B 47 3.59 -2.97 26.36
C VAL B 47 3.69 -1.46 26.15
N ILE B 48 2.61 -0.88 25.62
CA ILE B 48 2.45 0.56 25.26
C ILE B 48 1.34 1.18 26.13
N HIS B 49 1.70 1.76 27.28
CA HIS B 49 0.80 2.50 28.21
C HIS B 49 0.95 4.02 27.95
N ASP B 50 1.88 4.71 28.62
CA ASP B 50 2.14 6.17 28.50
C ASP B 50 2.50 6.51 27.05
N MET B 51 2.38 7.80 26.69
CA MET B 51 2.83 8.40 25.40
C MET B 51 4.35 8.16 25.23
N GLU B 52 5.10 8.09 26.33
CA GLU B 52 6.55 7.77 26.33
C GLU B 52 6.73 6.34 25.80
N THR B 53 5.84 5.43 26.19
CA THR B 53 5.88 3.98 25.87
C THR B 53 5.54 3.76 24.39
N LEU B 54 4.70 4.63 23.82
CA LEU B 54 4.37 4.62 22.36
C LEU B 54 5.64 4.97 21.56
N CYS B 55 6.19 6.16 21.78
CA CYS B 55 7.39 6.70 21.07
C CYS B 55 8.51 5.66 21.12
N MET B 56 8.79 5.17 22.32
CA MET B 56 9.75 4.09 22.68
C MET B 56 9.63 2.88 21.76
N ALA B 57 8.54 2.81 20.98
CA ALA B 57 8.26 1.65 20.12
C ALA B 57 7.95 2.09 18.68
N GLU B 58 8.25 3.32 18.31
CA GLU B 58 7.86 3.91 16.98
C GLU B 58 8.87 3.48 15.92
N LYS B 59 10.17 3.69 16.20
CA LYS B 59 11.30 3.35 15.29
C LYS B 59 11.80 1.93 15.59
N THR B 60 11.39 1.37 16.73
CA THR B 60 11.74 0.03 17.27
C THR B 60 11.41 -1.07 16.26
N LEU B 61 10.24 -1.00 15.60
CA LEU B 61 9.74 -2.05 14.66
C LEU B 61 8.95 -1.39 13.51
N VAL B 62 9.66 -0.84 12.51
CA VAL B 62 9.12 -0.35 11.20
C VAL B 62 9.83 -1.14 10.09
N GLU B 74 2.81 14.82 16.41
CA GLU B 74 1.77 14.75 17.47
C GLU B 74 1.77 13.33 18.05
N ALA B 75 0.72 12.93 18.79
CA ALA B 75 0.63 11.62 19.50
C ALA B 75 -0.56 10.81 18.98
N GLU B 76 -1.77 11.39 19.00
CA GLU B 76 -3.03 10.72 18.58
C GLU B 76 -2.89 10.30 17.11
N VAL B 77 -2.31 11.18 16.29
CA VAL B 77 -2.22 11.05 14.81
C VAL B 77 -1.26 9.91 14.44
N ARG B 78 -0.19 9.72 15.22
CA ARG B 78 0.75 8.58 15.08
C ARG B 78 -0.05 7.27 15.13
N ILE B 79 -1.06 7.20 16.01
CA ILE B 79 -1.90 5.98 16.23
C ILE B 79 -2.82 5.81 15.01
N PHE B 80 -3.55 6.87 14.68
CA PHE B 80 -4.52 6.91 13.54
C PHE B 80 -3.81 6.45 12.26
N HIS B 81 -2.56 6.86 12.05
CA HIS B 81 -1.73 6.50 10.87
C HIS B 81 -1.32 5.01 10.99
N CYS B 82 -0.76 4.61 12.13
CA CYS B 82 -0.26 3.23 12.35
C CYS B 82 -1.37 2.20 12.11
N CYS B 83 -2.58 2.43 12.63
CA CYS B 83 -3.74 1.52 12.46
C CYS B 83 -3.87 1.19 10.96
N GLN B 84 -4.06 2.26 10.18
CA GLN B 84 -4.21 2.23 8.72
C GLN B 84 -3.35 1.11 8.12
N CYS B 85 -2.06 1.04 8.45
CA CYS B 85 -1.11 0.09 7.83
C CYS B 85 -1.73 -1.32 7.74
N THR B 86 -2.13 -1.88 8.88
CA THR B 86 -2.52 -3.31 8.94
C THR B 86 -3.88 -3.50 8.25
N SER B 87 -4.80 -2.53 8.34
CA SER B 87 -6.04 -2.51 7.53
C SER B 87 -5.69 -2.75 6.05
N VAL B 88 -4.70 -2.01 5.54
CA VAL B 88 -4.34 -2.04 4.10
C VAL B 88 -3.79 -3.42 3.73
N GLU B 89 -2.94 -3.97 4.59
CA GLU B 89 -2.38 -5.32 4.38
C GLU B 89 -3.54 -6.31 4.29
N THR B 90 -4.50 -6.14 5.20
CA THR B 90 -5.57 -7.14 5.49
C THR B 90 -6.55 -7.16 4.32
N VAL B 91 -6.84 -5.99 3.75
CA VAL B 91 -7.71 -5.87 2.54
C VAL B 91 -7.12 -6.74 1.44
N THR B 92 -5.80 -6.69 1.32
CA THR B 92 -5.06 -7.43 0.28
C THR B 92 -5.11 -8.91 0.61
N GLU B 93 -4.81 -9.26 1.86
CA GLU B 93 -4.90 -10.68 2.32
C GLU B 93 -6.34 -11.16 2.09
N LEU B 94 -7.34 -10.29 2.34
CA LEU B 94 -8.78 -10.64 2.22
C LEU B 94 -9.15 -10.88 0.75
N THR B 95 -8.67 -10.07 -0.19
CA THR B 95 -8.95 -10.26 -1.64
C THR B 95 -8.42 -11.63 -2.09
N GLU B 96 -7.30 -12.07 -1.51
CA GLU B 96 -6.67 -13.38 -1.81
C GLU B 96 -7.51 -14.47 -1.14
N PHE B 97 -7.74 -14.34 0.17
CA PHE B 97 -8.64 -15.25 0.92
C PHE B 97 -9.94 -15.47 0.12
N ALA B 98 -10.54 -14.39 -0.38
CA ALA B 98 -11.84 -14.39 -1.10
C ALA B 98 -11.75 -15.29 -2.34
N LYS B 99 -10.63 -15.20 -3.08
CA LYS B 99 -10.41 -15.93 -4.36
C LYS B 99 -10.19 -17.42 -4.07
N ALA B 100 -10.16 -17.84 -2.82
CA ALA B 100 -10.04 -19.26 -2.45
C ALA B 100 -11.43 -19.82 -2.08
N ILE B 101 -12.40 -18.97 -1.73
CA ILE B 101 -13.80 -19.41 -1.47
C ILE B 101 -14.35 -20.03 -2.75
N PRO B 102 -14.70 -21.33 -2.73
CA PRO B 102 -15.21 -21.99 -3.92
C PRO B 102 -16.40 -21.25 -4.54
N GLY B 103 -16.26 -20.89 -5.82
CA GLY B 103 -17.29 -20.23 -6.63
C GLY B 103 -17.07 -18.74 -6.75
N PHE B 104 -16.18 -18.18 -5.94
CA PHE B 104 -15.98 -16.71 -5.83
C PHE B 104 -15.35 -16.20 -7.13
N ALA B 105 -14.34 -16.93 -7.62
CA ALA B 105 -13.65 -16.66 -8.91
C ALA B 105 -14.70 -16.43 -10.00
N ASN B 106 -15.71 -17.32 -10.10
CA ASN B 106 -16.75 -17.35 -11.17
C ASN B 106 -17.76 -16.19 -11.06
N LEU B 107 -17.87 -15.51 -9.91
CA LEU B 107 -18.83 -14.39 -9.74
C LEU B 107 -18.51 -13.31 -10.76
N ASP B 108 -19.51 -12.50 -11.09
CA ASP B 108 -19.36 -11.28 -11.91
C ASP B 108 -18.27 -10.43 -11.25
N LEU B 109 -17.21 -10.09 -11.98
CA LEU B 109 -16.12 -9.16 -11.58
C LEU B 109 -16.69 -8.02 -10.71
N ASN B 110 -17.75 -7.39 -11.23
CA ASN B 110 -18.44 -6.26 -10.57
C ASN B 110 -18.85 -6.69 -9.17
N ASP B 111 -19.42 -7.89 -9.03
CA ASP B 111 -19.90 -8.46 -7.74
C ASP B 111 -18.73 -8.76 -6.83
N GLN B 112 -17.72 -9.50 -7.31
CA GLN B 112 -16.45 -9.75 -6.59
C GLN B 112 -16.04 -8.47 -5.83
N VAL B 113 -16.07 -7.32 -6.52
CA VAL B 113 -15.64 -5.99 -6.00
C VAL B 113 -16.65 -5.49 -4.95
N THR B 114 -17.95 -5.52 -5.25
CA THR B 114 -19.01 -5.07 -4.32
C THR B 114 -18.93 -5.86 -3.00
N LEU B 115 -18.76 -7.18 -3.08
CA LEU B 115 -18.80 -8.12 -1.92
C LEU B 115 -17.67 -7.78 -0.95
N LEU B 116 -16.52 -7.41 -1.50
CA LEU B 116 -15.27 -7.14 -0.76
C LEU B 116 -15.26 -5.72 -0.20
N LYS B 117 -15.85 -4.77 -0.92
CA LYS B 117 -15.93 -3.35 -0.50
C LYS B 117 -16.59 -3.29 0.88
N TYR B 118 -17.78 -3.91 0.99
CA TYR B 118 -18.62 -3.93 2.22
C TYR B 118 -18.08 -4.98 3.19
N GLY B 119 -17.51 -6.06 2.63
CA GLY B 119 -17.01 -7.23 3.37
C GLY B 119 -15.83 -6.92 4.29
N VAL B 120 -14.77 -6.27 3.77
CA VAL B 120 -13.41 -6.29 4.39
C VAL B 120 -13.43 -5.79 5.84
N TYR B 121 -14.07 -4.65 6.14
CA TYR B 121 -13.98 -4.04 7.50
C TYR B 121 -14.78 -4.89 8.51
N GLU B 122 -15.81 -5.61 8.06
CA GLU B 122 -16.50 -6.62 8.89
C GLU B 122 -15.49 -7.72 9.20
N ALA B 123 -14.85 -8.27 8.16
CA ALA B 123 -13.85 -9.35 8.30
C ALA B 123 -12.67 -8.86 9.15
N ILE B 124 -12.27 -7.59 9.02
CA ILE B 124 -11.17 -7.00 9.84
C ILE B 124 -11.58 -7.01 11.32
N PHE B 125 -12.76 -6.50 11.66
CA PHE B 125 -13.16 -6.25 13.07
C PHE B 125 -13.44 -7.59 13.77
N ALA B 126 -13.90 -8.60 13.02
CA ALA B 126 -14.06 -9.99 13.52
C ALA B 126 -12.69 -10.54 13.88
N MET B 127 -11.74 -10.46 12.95
CA MET B 127 -10.37 -11.01 13.11
C MET B 127 -9.59 -10.15 14.12
N LEU B 128 -9.91 -8.86 14.23
CA LEU B 128 -9.26 -7.94 15.21
C LEU B 128 -9.61 -8.42 16.61
N SER B 129 -10.74 -9.11 16.80
CA SER B 129 -11.19 -9.61 18.13
C SER B 129 -10.14 -10.61 18.63
N SER B 130 -9.53 -11.37 17.70
CA SER B 130 -8.60 -12.50 17.97
C SER B 130 -7.31 -12.01 18.64
N VAL B 131 -6.96 -10.72 18.54
CA VAL B 131 -5.74 -10.16 19.17
C VAL B 131 -6.13 -9.38 20.43
N MET B 132 -7.42 -9.25 20.71
CA MET B 132 -7.91 -8.41 21.84
C MET B 132 -8.16 -9.29 23.06
N ASN B 133 -7.86 -8.75 24.25
CA ASN B 133 -8.41 -9.22 25.55
C ASN B 133 -8.91 -7.97 26.30
N LYS B 134 -9.50 -8.14 27.48
CA LYS B 134 -10.18 -7.05 28.23
C LYS B 134 -9.25 -5.85 28.45
N ASP B 135 -7.92 -6.03 28.43
CA ASP B 135 -6.91 -5.04 28.90
C ASP B 135 -6.24 -4.30 27.74
N GLY B 136 -6.16 -4.88 26.54
CA GLY B 136 -5.56 -4.22 25.36
C GLY B 136 -5.56 -5.11 24.14
N MET B 137 -4.78 -4.76 23.10
CA MET B 137 -4.70 -5.52 21.82
C MET B 137 -3.24 -5.68 21.36
N LEU B 138 -2.95 -6.80 20.70
CA LEU B 138 -1.63 -7.06 20.04
C LEU B 138 -1.58 -6.18 18.79
N VAL B 139 -0.42 -5.60 18.51
CA VAL B 139 -0.17 -4.82 17.26
C VAL B 139 1.16 -5.30 16.68
N ALA B 140 1.59 -4.66 15.60
CA ALA B 140 2.94 -4.81 15.02
C ALA B 140 3.31 -6.30 15.03
N TYR B 141 2.54 -7.09 14.30
CA TYR B 141 2.78 -8.55 14.04
C TYR B 141 2.98 -9.34 15.35
N GLY B 142 2.49 -8.88 16.49
CA GLY B 142 2.50 -9.65 17.76
C GLY B 142 3.57 -9.15 18.72
N ASN B 143 4.35 -8.14 18.31
CA ASN B 143 5.56 -7.67 19.04
C ASN B 143 5.15 -6.54 20.01
N GLY B 144 4.11 -5.79 19.66
CA GLY B 144 3.51 -4.75 20.53
C GLY B 144 2.23 -5.24 21.17
N PHE B 145 1.89 -4.68 22.34
CA PHE B 145 0.57 -4.80 23.01
C PHE B 145 0.16 -3.44 23.57
N ILE B 146 -0.80 -2.78 22.93
CA ILE B 146 -1.22 -1.39 23.27
C ILE B 146 -2.48 -1.48 24.14
N THR B 147 -2.39 -0.88 25.34
CA THR B 147 -3.38 -1.04 26.44
C THR B 147 -4.67 -0.31 26.04
N ARG B 148 -5.81 -0.95 26.30
CA ARG B 148 -7.18 -0.44 26.06
C ARG B 148 -7.35 0.88 26.80
N GLU B 149 -6.66 1.01 27.94
CA GLU B 149 -6.73 2.20 28.83
C GLU B 149 -6.07 3.37 28.11
N PHE B 150 -4.88 3.16 27.53
CA PHE B 150 -4.12 4.22 26.82
C PHE B 150 -4.96 4.73 25.64
N LEU B 151 -5.71 3.83 25.01
CA LEU B 151 -6.50 4.18 23.80
C LEU B 151 -7.73 4.99 24.21
N LYS B 152 -8.36 4.65 25.35
CA LYS B 152 -9.42 5.45 26.01
C LYS B 152 -8.87 6.85 26.29
N SER B 153 -7.67 6.91 26.86
CA SER B 153 -6.90 8.11 27.28
C SER B 153 -6.87 9.19 26.17
N LEU B 154 -6.78 8.80 24.89
CA LEU B 154 -6.53 9.74 23.75
C LEU B 154 -7.55 10.88 23.78
N ARG B 155 -7.12 12.07 23.35
CA ARG B 155 -7.97 13.26 23.07
C ARG B 155 -9.19 12.85 22.25
N LYS B 156 -10.38 13.38 22.53
CA LYS B 156 -11.59 13.17 21.68
C LYS B 156 -11.25 13.65 20.26
N PRO B 157 -11.81 13.05 19.17
CA PRO B 157 -12.60 11.81 19.22
C PRO B 157 -11.83 10.50 18.98
N PHE B 158 -10.49 10.54 19.09
CA PHE B 158 -9.57 9.43 18.73
C PHE B 158 -9.74 8.26 19.70
N CYS B 159 -10.26 8.52 20.89
CA CYS B 159 -10.58 7.52 21.94
C CYS B 159 -11.74 6.62 21.50
N ASP B 160 -12.61 7.15 20.63
CA ASP B 160 -13.85 6.47 20.14
C ASP B 160 -13.57 5.59 18.91
N ILE B 161 -12.30 5.48 18.49
CA ILE B 161 -11.89 4.55 17.41
C ILE B 161 -11.88 3.12 17.96
N MET B 162 -11.07 2.82 18.99
CA MET B 162 -10.78 1.41 19.41
C MET B 162 -11.85 0.87 20.38
N GLU B 163 -12.20 1.65 21.39
CA GLU B 163 -13.08 1.18 22.49
C GLU B 163 -14.27 0.40 21.93
N PRO B 164 -15.07 0.95 20.99
CA PRO B 164 -16.20 0.21 20.43
C PRO B 164 -15.83 -1.19 19.89
N LYS B 165 -14.62 -1.32 19.32
CA LYS B 165 -14.15 -2.59 18.70
C LYS B 165 -13.79 -3.54 19.82
N PHE B 166 -13.26 -3.01 20.92
CA PHE B 166 -13.04 -3.74 22.20
C PHE B 166 -14.38 -4.29 22.71
N ASP B 167 -15.37 -3.40 22.92
CA ASP B 167 -16.74 -3.78 23.39
C ASP B 167 -17.21 -5.00 22.61
N PHE B 168 -17.20 -4.89 21.27
CA PHE B 168 -17.64 -5.96 20.34
C PHE B 168 -16.81 -7.24 20.56
N ALA B 169 -15.50 -7.07 20.68
CA ALA B 169 -14.51 -8.18 20.78
C ALA B 169 -14.83 -9.02 22.02
N MET B 170 -15.08 -8.37 23.16
CA MET B 170 -15.23 -9.05 24.46
C MET B 170 -16.42 -10.02 24.36
N LYS B 171 -17.52 -9.52 23.79
CA LYS B 171 -18.75 -10.31 23.54
C LYS B 171 -18.44 -11.45 22.57
N PHE B 172 -17.63 -11.20 21.54
CA PHE B 172 -17.36 -12.15 20.42
C PHE B 172 -16.38 -13.24 20.91
N ASN B 173 -15.35 -12.81 21.64
CA ASN B 173 -14.32 -13.72 22.23
C ASN B 173 -15.03 -14.63 23.23
N ALA B 174 -16.04 -14.09 23.93
CA ALA B 174 -16.94 -14.84 24.85
C ALA B 174 -17.47 -16.11 24.18
N LEU B 175 -17.82 -16.08 22.89
CA LEU B 175 -18.31 -17.27 22.11
C LEU B 175 -17.23 -18.38 22.05
N GLU B 176 -15.97 -18.06 22.34
CA GLU B 176 -14.84 -19.02 22.30
C GLU B 176 -14.84 -19.74 20.95
N LEU B 177 -14.59 -19.00 19.86
CA LEU B 177 -14.39 -19.60 18.52
C LEU B 177 -12.92 -19.96 18.36
N ASP B 178 -12.65 -21.01 17.59
CA ASP B 178 -11.30 -21.42 17.14
C ASP B 178 -11.16 -20.96 15.69
N ASP B 179 -9.93 -20.75 15.21
CA ASP B 179 -9.59 -20.31 13.84
C ASP B 179 -10.40 -21.10 12.79
N SER B 180 -10.66 -22.40 12.96
CA SER B 180 -11.41 -23.20 11.95
C SER B 180 -12.84 -22.64 11.81
N ASP B 181 -13.40 -22.14 12.91
CA ASP B 181 -14.74 -21.49 12.96
C ASP B 181 -14.65 -20.12 12.28
N ILE B 182 -13.71 -19.29 12.74
CA ILE B 182 -13.50 -17.88 12.29
C ILE B 182 -13.29 -17.83 10.76
N SER B 183 -12.51 -18.75 10.20
CA SER B 183 -12.31 -18.85 8.73
C SER B 183 -13.68 -18.95 8.06
N LEU B 184 -14.50 -19.89 8.51
CA LEU B 184 -15.83 -20.18 7.92
C LEU B 184 -16.73 -18.94 8.05
N PHE B 185 -16.59 -18.21 9.16
CA PHE B 185 -17.40 -17.00 9.49
C PHE B 185 -17.06 -15.89 8.48
N VAL B 186 -15.77 -15.60 8.33
CA VAL B 186 -15.22 -14.53 7.45
C VAL B 186 -15.68 -14.79 6.01
N ALA B 187 -15.66 -16.05 5.56
CA ALA B 187 -16.19 -16.46 4.24
C ALA B 187 -17.66 -16.08 4.16
N ALA B 188 -18.44 -16.46 5.16
CA ALA B 188 -19.90 -16.18 5.26
C ALA B 188 -20.13 -14.66 5.22
N ILE B 189 -19.26 -13.90 5.88
CA ILE B 189 -19.28 -12.42 5.89
C ILE B 189 -19.10 -11.90 4.46
N ILE B 190 -18.17 -12.48 3.72
CA ILE B 190 -17.79 -12.00 2.37
C ILE B 190 -18.94 -12.29 1.40
N CYS B 191 -19.32 -13.58 1.26
CA CYS B 191 -20.42 -14.09 0.39
C CYS B 191 -21.76 -13.81 1.05
N CYS B 192 -22.36 -12.66 0.75
CA CYS B 192 -23.45 -12.01 1.52
C CYS B 192 -24.33 -11.24 0.54
N GLY B 193 -25.38 -11.90 0.03
CA GLY B 193 -26.24 -11.45 -1.10
C GLY B 193 -27.08 -10.21 -0.82
N ASP B 194 -27.01 -9.62 0.37
CA ASP B 194 -27.81 -8.42 0.75
C ASP B 194 -26.90 -7.18 0.79
N ARG B 195 -25.72 -7.23 0.15
CA ARG B 195 -24.88 -6.03 -0.10
C ARG B 195 -25.60 -5.20 -1.15
N PRO B 196 -25.55 -3.84 -1.07
CA PRO B 196 -26.04 -3.01 -2.17
C PRO B 196 -25.23 -3.21 -3.45
N GLY B 197 -25.92 -3.20 -4.60
CA GLY B 197 -25.31 -3.10 -5.94
C GLY B 197 -24.94 -4.45 -6.52
N LEU B 198 -25.30 -5.55 -5.85
CA LEU B 198 -25.02 -6.90 -6.40
C LEU B 198 -25.87 -7.11 -7.64
N LEU B 199 -25.32 -7.73 -8.69
CA LEU B 199 -26.10 -8.20 -9.87
C LEU B 199 -26.61 -9.60 -9.56
N ASN B 200 -25.78 -10.64 -9.73
CA ASN B 200 -26.17 -12.08 -9.65
C ASN B 200 -26.45 -12.45 -8.18
N VAL B 201 -27.49 -11.85 -7.59
CA VAL B 201 -27.84 -11.96 -6.14
C VAL B 201 -28.10 -13.44 -5.82
N GLY B 202 -28.89 -14.11 -6.68
CA GLY B 202 -29.26 -15.53 -6.51
C GLY B 202 -28.04 -16.41 -6.33
N HIS B 203 -27.04 -16.31 -7.22
CA HIS B 203 -25.87 -17.23 -7.27
C HIS B 203 -24.98 -17.02 -6.06
N ILE B 204 -25.14 -15.88 -5.37
CA ILE B 204 -24.41 -15.55 -4.11
C ILE B 204 -25.16 -16.19 -2.94
N GLU B 205 -26.49 -16.05 -2.90
CA GLU B 205 -27.34 -16.61 -1.82
C GLU B 205 -27.11 -18.13 -1.78
N LYS B 206 -26.98 -18.79 -2.95
CA LYS B 206 -26.60 -20.22 -3.04
C LYS B 206 -25.21 -20.41 -2.43
N MET B 207 -24.25 -19.58 -2.84
CA MET B 207 -22.85 -19.61 -2.37
C MET B 207 -22.81 -19.45 -0.85
N GLN B 208 -23.63 -18.55 -0.30
CA GLN B 208 -23.69 -18.33 1.17
C GLN B 208 -24.31 -19.57 1.82
N GLU B 209 -25.49 -20.01 1.37
CA GLU B 209 -26.17 -21.22 1.91
C GLU B 209 -25.11 -22.29 2.17
N GLY B 210 -24.30 -22.63 1.16
CA GLY B 210 -23.26 -23.69 1.23
C GLY B 210 -22.26 -23.43 2.34
N ILE B 211 -21.69 -22.22 2.36
CA ILE B 211 -20.71 -21.77 3.39
C ILE B 211 -21.37 -21.83 4.77
N VAL B 212 -22.60 -21.34 4.90
CA VAL B 212 -23.30 -21.23 6.23
C VAL B 212 -23.75 -22.61 6.70
N HIS B 213 -24.22 -23.47 5.79
CA HIS B 213 -24.57 -24.89 6.09
C HIS B 213 -23.38 -25.49 6.82
N VAL B 214 -22.23 -25.51 6.13
CA VAL B 214 -20.93 -26.00 6.64
C VAL B 214 -20.62 -25.34 7.99
N LEU B 215 -20.74 -24.02 8.07
CA LEU B 215 -20.50 -23.27 9.33
C LEU B 215 -21.31 -23.91 10.46
N ARG B 216 -22.60 -24.16 10.25
CA ARG B 216 -23.47 -24.76 11.30
C ARG B 216 -22.97 -26.18 11.58
N LEU B 217 -22.91 -27.06 10.56
CA LEU B 217 -22.49 -28.48 10.72
C LEU B 217 -21.17 -28.51 11.50
N HIS B 218 -20.26 -27.61 11.16
CA HIS B 218 -18.92 -27.50 11.79
C HIS B 218 -19.08 -27.14 13.26
N LEU B 219 -19.96 -26.19 13.58
CA LEU B 219 -20.12 -25.67 14.96
C LEU B 219 -20.73 -26.77 15.84
N GLN B 220 -21.64 -27.56 15.28
CA GLN B 220 -22.32 -28.68 15.98
C GLN B 220 -21.32 -29.78 16.34
N SER B 221 -20.45 -30.19 15.42
CA SER B 221 -19.42 -31.24 15.66
C SER B 221 -18.26 -30.69 16.49
N ASN B 222 -17.94 -29.40 16.41
CA ASN B 222 -16.76 -28.83 17.12
C ASN B 222 -17.16 -28.32 18.51
N HIS B 223 -18.38 -27.77 18.68
CA HIS B 223 -18.90 -27.24 19.97
C HIS B 223 -20.23 -27.91 20.34
N PRO B 224 -20.27 -29.24 20.55
CA PRO B 224 -21.52 -29.91 20.94
C PRO B 224 -22.09 -29.31 22.24
N ASP B 225 -21.20 -28.84 23.13
CA ASP B 225 -21.52 -28.23 24.44
C ASP B 225 -22.50 -27.05 24.28
N ASP B 226 -22.28 -26.20 23.26
CA ASP B 226 -22.98 -24.90 23.09
C ASP B 226 -23.84 -24.94 21.82
N ILE B 227 -25.06 -25.45 21.91
CA ILE B 227 -25.92 -25.78 20.74
C ILE B 227 -26.73 -24.54 20.34
N PHE B 228 -26.55 -23.42 21.03
CA PHE B 228 -27.09 -22.11 20.59
C PHE B 228 -25.96 -21.24 19.99
N LEU B 229 -24.80 -21.83 19.67
CA LEU B 229 -23.63 -21.05 19.17
C LEU B 229 -23.94 -20.51 17.77
N PHE B 230 -24.42 -21.36 16.85
CA PHE B 230 -24.66 -20.97 15.44
C PHE B 230 -25.59 -19.76 15.37
N PRO B 231 -26.76 -19.73 16.07
CA PRO B 231 -27.62 -18.56 16.10
C PRO B 231 -26.99 -17.32 16.75
N LYS B 232 -26.32 -17.49 17.89
CA LYS B 232 -25.61 -16.40 18.62
C LYS B 232 -24.63 -15.69 17.67
N LEU B 233 -23.84 -16.50 16.94
CA LEU B 233 -22.79 -16.07 15.97
C LEU B 233 -23.44 -15.21 14.90
N LEU B 234 -24.41 -15.77 14.18
CA LEU B 234 -25.17 -15.09 13.07
C LEU B 234 -25.62 -13.68 13.48
N GLN B 235 -26.06 -13.48 14.72
CA GLN B 235 -26.65 -12.17 15.11
C GLN B 235 -25.51 -11.17 15.32
N LYS B 236 -24.26 -11.59 15.09
CA LYS B 236 -23.06 -10.73 15.22
C LYS B 236 -22.70 -10.12 13.86
N MET B 237 -23.06 -10.81 12.77
CA MET B 237 -22.87 -10.27 11.40
C MET B 237 -23.61 -8.93 11.31
N ALA B 238 -24.70 -8.77 12.05
CA ALA B 238 -25.49 -7.52 12.14
C ALA B 238 -24.71 -6.46 12.92
N ASP B 239 -24.22 -6.81 14.13
CA ASP B 239 -23.47 -5.86 15.01
C ASP B 239 -22.25 -5.31 14.26
N LEU B 240 -21.64 -6.14 13.38
CA LEU B 240 -20.43 -5.78 12.61
C LEU B 240 -20.77 -4.73 11.55
N ARG B 241 -21.81 -4.96 10.76
CA ARG B 241 -22.42 -3.94 9.85
C ARG B 241 -22.46 -2.59 10.60
N GLN B 242 -23.15 -2.55 11.75
CA GLN B 242 -23.29 -1.30 12.56
C GLN B 242 -21.90 -0.74 12.85
N LEU B 243 -21.07 -1.54 13.52
CA LEU B 243 -19.70 -1.18 13.98
C LEU B 243 -18.92 -0.51 12.84
N VAL B 244 -19.07 -1.03 11.62
CA VAL B 244 -18.33 -0.53 10.41
C VAL B 244 -18.87 0.86 10.07
N THR B 245 -20.14 0.97 9.64
CA THR B 245 -20.88 2.25 9.45
C THR B 245 -20.41 3.30 10.47
N GLU B 246 -20.54 2.99 11.77
CA GLU B 246 -20.14 3.93 12.84
C GLU B 246 -18.66 4.26 12.68
N HIS B 247 -17.81 3.26 12.41
CA HIS B 247 -16.36 3.47 12.16
C HIS B 247 -16.17 4.43 10.98
N ALA B 248 -16.79 4.10 9.84
CA ALA B 248 -16.66 4.79 8.54
C ALA B 248 -16.92 6.28 8.73
N GLN B 249 -18.05 6.64 9.36
CA GLN B 249 -18.37 8.05 9.65
C GLN B 249 -17.25 8.66 10.51
N LEU B 250 -16.89 8.03 11.64
CA LEU B 250 -15.96 8.62 12.65
C LEU B 250 -14.62 8.94 11.97
N VAL B 251 -14.24 8.12 11.00
CA VAL B 251 -12.92 8.25 10.30
C VAL B 251 -12.97 9.45 9.35
N GLN B 252 -14.00 9.53 8.48
CA GLN B 252 -14.22 10.69 7.57
C GLN B 252 -14.16 11.97 8.41
N ILE B 253 -14.80 11.98 9.58
CA ILE B 253 -14.87 13.18 10.44
C ILE B 253 -13.48 13.49 11.00
N ILE B 254 -12.67 12.50 11.38
CA ILE B 254 -11.28 12.77 11.86
C ILE B 254 -10.43 13.25 10.68
N LYS B 255 -10.62 12.66 9.49
CA LYS B 255 -9.87 13.05 8.27
C LYS B 255 -10.13 14.52 7.97
N LYS B 256 -11.37 14.99 8.19
CA LYS B 256 -11.84 16.34 7.78
C LYS B 256 -11.70 17.32 8.95
N THR B 257 -11.81 16.86 10.21
CA THR B 257 -11.54 17.65 11.44
C THR B 257 -10.06 18.07 11.46
N GLU B 258 -9.14 17.10 11.44
CA GLU B 258 -7.68 17.29 11.63
C GLU B 258 -6.96 17.30 10.28
N SER B 259 -6.40 18.46 9.91
CA SER B 259 -5.46 18.64 8.77
C SER B 259 -4.23 17.77 9.00
N ASP B 260 -4.00 17.37 10.25
CA ASP B 260 -2.77 16.67 10.71
C ASP B 260 -2.85 15.16 10.46
N ALA B 261 -4.03 14.59 10.14
CA ALA B 261 -4.29 13.12 10.14
C ALA B 261 -4.98 12.65 8.85
N ALA B 262 -4.21 12.17 7.88
CA ALA B 262 -4.73 11.74 6.55
C ALA B 262 -5.01 10.23 6.56
N LEU B 263 -5.63 9.73 5.49
CA LEU B 263 -6.21 8.38 5.39
C LEU B 263 -5.68 7.72 4.12
N HIS B 264 -5.00 6.58 4.25
CA HIS B 264 -4.40 5.83 3.12
C HIS B 264 -5.43 5.73 1.99
N PRO B 265 -5.07 6.10 0.74
CA PRO B 265 -6.07 6.25 -0.33
C PRO B 265 -6.92 5.01 -0.63
N LEU B 266 -6.38 3.79 -0.41
CA LEU B 266 -7.13 2.51 -0.52
C LEU B 266 -8.36 2.56 0.40
N LEU B 267 -8.13 2.80 1.68
CA LEU B 267 -9.16 2.88 2.74
C LEU B 267 -10.17 3.99 2.40
N GLN B 268 -9.66 5.17 1.99
CA GLN B 268 -10.47 6.35 1.59
C GLN B 268 -11.38 5.95 0.40
N GLU B 269 -10.96 4.97 -0.41
CA GLU B 269 -11.73 4.49 -1.59
C GLU B 269 -12.72 3.39 -1.17
N ILE B 270 -12.34 2.48 -0.26
CA ILE B 270 -13.27 1.40 0.20
C ILE B 270 -14.37 2.11 1.00
N TYR B 271 -14.08 3.28 1.61
CA TYR B 271 -15.07 4.08 2.38
C TYR B 271 -15.98 4.87 1.44
N ARG B 272 -15.42 5.51 0.39
CA ARG B 272 -16.19 6.29 -0.63
C ARG B 272 -17.55 5.63 -0.86
N ASP B 273 -18.64 6.35 -0.57
CA ASP B 273 -20.06 5.98 -0.84
C ASP B 273 -20.50 4.80 0.06
N MET B 274 -20.29 4.93 1.37
CA MET B 274 -20.60 3.92 2.41
C MET B 274 -20.51 4.60 3.79
N ARG C 1 11.40 27.12 1.97
CA ARG C 1 12.54 27.71 1.17
C ARG C 1 12.46 27.13 -0.27
N HIS C 2 13.34 26.17 -0.63
CA HIS C 2 13.38 25.40 -1.91
C HIS C 2 13.43 26.32 -3.14
N LYS C 3 14.57 26.99 -3.37
CA LYS C 3 14.76 28.03 -4.42
C LYS C 3 14.37 27.46 -5.79
N ILE C 4 14.83 26.25 -6.12
CA ILE C 4 14.79 25.68 -7.50
C ILE C 4 13.40 25.13 -7.80
N LEU C 5 12.83 24.36 -6.88
CA LEU C 5 11.45 23.86 -7.08
C LEU C 5 10.54 25.06 -7.35
N HIS C 6 10.60 26.11 -6.51
CA HIS C 6 9.79 27.36 -6.69
C HIS C 6 9.92 27.76 -8.16
N ARG C 7 11.14 27.75 -8.70
CA ARG C 7 11.46 28.22 -10.06
C ARG C 7 10.77 27.33 -11.11
N LEU C 8 10.79 26.01 -10.93
CA LEU C 8 10.25 25.05 -11.93
C LEU C 8 8.72 25.06 -11.91
N LEU C 9 8.09 25.60 -10.85
CA LEU C 9 6.61 25.56 -10.68
C LEU C 9 5.97 26.96 -10.78
N GLN C 10 6.34 27.77 -11.79
CA GLN C 10 5.76 29.13 -11.97
C GLN C 10 5.21 29.29 -13.40
C09 P7F D . 19.03 6.12 -12.77
C10 P7F D . 17.77 7.94 -11.49
C11 P7F D . 19.71 6.18 -14.14
C12 P7F D . 18.10 7.13 -10.24
C13 P7F D . 16.80 6.86 -13.35
C14 P7F D . 21.21 6.42 -13.94
C15 P7F D . 19.04 7.63 -9.39
C16 P7F D . 17.53 5.89 -9.97
C17 P7F D . 19.40 6.96 -8.25
C18 P7F D . 14.76 6.86 -13.71
C19 P7F D . 15.43 6.20 -14.85
C20 P7F D . 20.74 8.86 -7.52
C21 P7F D . 17.88 5.20 -8.82
C22 P7F D . 18.82 5.74 -7.96
C23 P7F D . 21.90 9.03 -6.59
C24 P7F D . 13.39 7.03 -13.71
C25 P7F D . 14.66 5.77 -15.89
C26 P7F D . 23.15 5.34 -15.08
C27 P7F D . 12.67 6.61 -14.79
C28 P7F D . 13.29 5.97 -15.85
C29 P7F D . 22.64 10.31 -6.96
C30 P7F D . 19.65 9.81 -7.12
C31 P7F D . 24.09 4.31 -14.95
C32 P7F D . 23.32 6.29 -16.12
C33 P7F D . 25.21 4.19 -15.79
C34 P7F D . 24.44 6.17 -16.96
C35 P7F D . 25.38 5.12 -16.80
C36 P7F D . 27.04 6.06 -18.31
N07 P7F D . 17.88 7.02 -12.60
N08 P7F D . 16.77 6.21 -14.54
O01 P7F D . 15.63 7.25 -12.79
O02 P7F D . 22.08 5.32 -14.18
O03 P7F D . 20.33 7.51 -7.41
O04 P7F D . 19.13 10.62 -7.88
O05 P7F D . 19.24 9.79 -5.88
O06 P7F D . 26.48 4.95 -17.60
C09 P7F E . -4.81 -2.36 13.36
C10 P7F E . -6.86 -2.48 12.04
C11 P7F E . -4.99 -2.12 14.82
C12 P7F E . -7.81 -1.52 12.72
C13 P7F E . -5.95 -4.52 13.07
C14 P7F E . -3.62 -1.85 15.39
C15 P7F E . -7.94 -0.23 12.22
C16 P7F E . -8.58 -1.95 13.81
C17 P7F E . -8.83 0.63 12.82
C18 P7F E . -5.60 -6.53 13.59
C19 P7F E . -6.54 -6.57 12.50
C20 P7F E . -8.41 2.54 11.29
C21 P7F E . -9.47 -1.08 14.42
C22 P7F E . -9.60 0.22 13.92
C23 P7F E . -8.76 4.02 11.40
C24 P7F E . -5.25 -7.76 14.12
C25 P7F E . -7.03 -7.78 12.00
C26 P7F E . -1.85 -0.30 15.32
C27 P7F E . -5.76 -8.98 13.61
C28 P7F E . -6.65 -9.00 12.56
C29 P7F E . -7.68 4.88 10.82
C30 P7F E . -8.81 2.00 9.95
C31 P7F E . -1.98 0.59 16.40
C32 P7F E . -0.60 -0.72 14.89
C33 P7F E . -0.84 1.08 17.03
C34 P7F E . 0.55 -0.23 15.53
C35 P7F E . 0.42 0.66 16.60
C36 P7F E . 1.83 2.53 17.16
N07 P7F E . -5.92 -3.17 12.91
N08 P7F E . -6.70 -5.26 12.21
O01 P7F E . -5.22 -5.29 13.92
O02 P7F E . -2.99 -0.77 14.71
O03 P7F E . -9.04 1.91 12.39
O04 P7F E . -9.94 2.08 9.51
O05 P7F E . -7.90 1.41 9.17
O06 P7F E . 1.54 1.14 17.22
#